data_5JCD
#
_entry.id   5JCD
#
_cell.length_a   47.772
_cell.length_b   77.274
_cell.length_c   111.391
_cell.angle_alpha   90.00
_cell.angle_beta   99.02
_cell.angle_gamma   90.00
#
_symmetry.space_group_name_H-M   'P 1 21 1'
#
loop_
_entity.id
_entity.type
_entity.pdbx_description
1 polymer 'Chitin elicitor-binding protein'
2 non-polymer 2-acetamido-2-deoxy-beta-D-glucopyranose
3 water water
#
_entity_poly.entity_id   1
_entity_poly.type   'polypeptide(L)'
_entity_poly.pdbx_seq_one_letter_code
;ANFTCAVASGTTCKSAILYTSPNATTYGNLVARFNTTTLPDLLGANGLPDGTLSSAPVAANSTVKIPFRCRCNGDVGQSD
RLPIYVVQPQDGLDAIARNVFNAFVTYQEIAAANNIPDPNKINVSQTLWIPLPCSCDKEEGSNVMHLAYSVGKGENTSAI
AAKYGVTESTLLTRNKIDDPTKLQMGQILDVPLPV
;
_entity_poly.pdbx_strand_id   A,B,C
#
# COMPACT_ATOMS: atom_id res chain seq x y z
N ALA A 1 -35.87 5.92 -5.68
CA ALA A 1 -35.42 7.32 -5.66
C ALA A 1 -34.50 7.65 -4.47
N ASN A 2 -33.30 8.18 -4.75
CA ASN A 2 -32.43 8.75 -3.73
C ASN A 2 -32.20 7.80 -2.52
N PHE A 3 -32.22 8.31 -1.28
CA PHE A 3 -32.33 7.44 -0.10
C PHE A 3 -33.72 7.58 0.45
N THR A 4 -34.27 6.46 0.86
CA THR A 4 -35.60 6.42 1.43
C THR A 4 -35.65 6.96 2.88
N CYS A 5 -36.77 7.57 3.26
CA CYS A 5 -37.00 8.03 4.62
C CYS A 5 -38.48 7.98 4.92
N ALA A 6 -38.83 7.35 6.05
CA ALA A 6 -40.23 7.03 6.35
C ALA A 6 -40.83 7.77 7.55
N VAL A 7 -40.07 8.69 8.15
CA VAL A 7 -40.52 9.45 9.30
C VAL A 7 -41.36 10.64 8.87
N ALA A 8 -41.87 11.38 9.85
CA ALA A 8 -42.77 12.49 9.55
C ALA A 8 -42.11 13.52 8.65
N SER A 9 -42.84 13.92 7.62
CA SER A 9 -42.39 14.93 6.69
C SER A 9 -42.01 16.19 7.44
N GLY A 10 -40.88 16.79 7.03
CA GLY A 10 -40.37 17.97 7.71
C GLY A 10 -39.33 17.61 8.75
N THR A 11 -39.15 16.32 9.02
CA THR A 11 -38.12 15.89 9.96
C THR A 11 -36.76 16.33 9.48
N THR A 12 -35.98 16.87 10.41
CA THR A 12 -34.64 17.28 10.12
C THR A 12 -33.67 16.52 11.00
N CYS A 13 -32.55 16.06 10.41
CA CYS A 13 -31.45 15.41 11.13
C CYS A 13 -30.11 15.70 10.44
N LYS A 14 -29.02 15.22 11.05
CA LYS A 14 -27.69 15.34 10.46
C LYS A 14 -27.29 14.09 9.62
N SER A 15 -26.84 14.30 8.38
CA SER A 15 -26.35 13.22 7.52
C SER A 15 -25.02 13.61 6.91
N ALA A 16 -24.49 12.76 6.05
CA ALA A 16 -23.23 13.05 5.35
C ALA A 16 -23.10 12.33 4.00
N ILE A 17 -22.25 12.86 3.14
CA ILE A 17 -21.72 12.08 2.02
C ILE A 17 -20.22 11.90 2.23
N LEU A 18 -19.69 10.77 1.82
CA LEU A 18 -18.24 10.64 1.77
C LEU A 18 -17.83 11.17 0.39
N TYR A 19 -17.30 12.38 0.35
CA TYR A 19 -17.06 13.04 -0.93
C TYR A 19 -15.69 12.73 -1.49
N THR A 20 -15.64 12.33 -2.77
CA THR A 20 -14.38 12.13 -3.47
C THR A 20 -14.09 13.39 -4.23
N SER A 21 -13.03 14.08 -3.84
CA SER A 21 -12.72 15.39 -4.44
C SER A 21 -12.14 15.22 -5.86
N PRO A 22 -12.83 15.74 -6.89
CA PRO A 22 -12.34 15.58 -8.25
C PRO A 22 -10.96 16.22 -8.42
N ASN A 23 -10.70 17.30 -7.71
CA ASN A 23 -9.41 17.98 -7.82
C ASN A 23 -8.79 18.24 -6.48
N ALA A 24 -7.56 18.75 -6.50
CA ALA A 24 -6.89 19.23 -5.31
C ALA A 24 -7.63 20.47 -4.90
N THR A 25 -7.93 20.57 -3.61
CA THR A 25 -8.68 21.72 -3.13
C THR A 25 -8.35 21.88 -1.65
N THR A 26 -9.16 22.62 -0.94
CA THR A 26 -8.93 22.80 0.49
C THR A 26 -10.25 22.66 1.24
N TYR A 27 -10.17 22.48 2.55
CA TYR A 27 -11.39 22.43 3.38
C TYR A 27 -12.22 23.70 3.21
N GLY A 28 -11.56 24.86 3.14
CA GLY A 28 -12.25 26.13 2.96
C GLY A 28 -13.10 26.18 1.70
N ASN A 29 -12.55 25.68 0.59
CA ASN A 29 -13.31 25.62 -0.66
C ASN A 29 -14.52 24.68 -0.61
N LEU A 30 -14.34 23.55 0.06
CA LEU A 30 -15.41 22.58 0.22
C LEU A 30 -16.53 23.22 1.02
N VAL A 31 -16.16 23.90 2.10
CA VAL A 31 -17.11 24.64 2.93
C VAL A 31 -17.91 25.59 2.06
N ALA A 32 -17.21 26.24 1.12
CA ALA A 32 -17.82 27.17 0.18
C ALA A 32 -18.71 26.50 -0.89
N ARG A 33 -18.19 25.48 -1.56
CA ARG A 33 -18.96 24.82 -2.62
C ARG A 33 -20.22 24.19 -2.02
N PHE A 34 -20.09 23.65 -0.83
CA PHE A 34 -21.19 22.93 -0.23
C PHE A 34 -22.09 23.84 0.60
N ASN A 35 -21.48 24.63 1.48
CA ASN A 35 -22.20 25.58 2.34
C ASN A 35 -23.29 24.89 3.16
N THR A 36 -23.00 23.68 3.61
CA THR A 36 -23.98 22.87 4.33
C THR A 36 -23.62 22.72 5.79
N THR A 37 -22.43 23.19 6.12
CA THR A 37 -21.85 23.00 7.43
C THR A 37 -20.82 24.09 7.59
N THR A 38 -20.38 24.33 8.82
CA THR A 38 -19.32 25.31 9.06
C THR A 38 -17.98 24.61 8.93
N LEU A 39 -16.93 25.41 8.80
CA LEU A 39 -15.57 24.89 8.77
C LEU A 39 -15.20 23.99 9.97
N PRO A 40 -15.45 24.45 11.21
CA PRO A 40 -15.04 23.55 12.30
C PRO A 40 -15.79 22.20 12.33
N ASP A 41 -17.03 22.19 11.90
CA ASP A 41 -17.75 20.93 11.83
C ASP A 41 -17.18 20.04 10.71
N LEU A 42 -16.77 20.65 9.60
CA LEU A 42 -16.17 19.86 8.51
C LEU A 42 -14.88 19.20 9.01
N LEU A 43 -14.05 19.96 9.71
CA LEU A 43 -12.79 19.48 10.27
C LEU A 43 -12.98 18.34 11.26
N GLY A 44 -13.96 18.51 12.15
CA GLY A 44 -14.27 17.49 13.13
C GLY A 44 -14.80 16.19 12.50
N ALA A 45 -15.63 16.34 11.48
CA ALA A 45 -16.14 15.19 10.74
C ALA A 45 -15.01 14.40 10.08
N ASN A 46 -13.89 15.05 9.82
CA ASN A 46 -12.74 14.38 9.24
C ASN A 46 -11.57 14.18 10.21
N GLY A 47 -11.88 14.31 11.49
CA GLY A 47 -10.91 14.06 12.55
C GLY A 47 -9.69 14.95 12.59
N LEU A 48 -9.87 16.23 12.26
CA LEU A 48 -8.79 17.23 12.36
C LEU A 48 -8.98 18.22 13.55
N PRO A 49 -7.89 18.67 14.17
CA PRO A 49 -7.85 19.59 15.34
C PRO A 49 -8.42 20.98 15.11
N ASP A 50 -8.75 21.69 16.19
CA ASP A 50 -9.28 23.06 16.13
C ASP A 50 -8.41 24.05 15.38
N GLY A 51 -7.10 23.95 15.55
CA GLY A 51 -6.20 24.96 14.98
C GLY A 51 -5.90 24.81 13.51
N THR A 52 -6.57 23.84 12.87
CA THR A 52 -6.40 23.57 11.46
C THR A 52 -6.92 24.70 10.58
N LEU A 53 -6.09 25.19 9.67
CA LEU A 53 -6.48 26.29 8.79
C LEU A 53 -7.40 25.84 7.68
N SER A 54 -8.18 26.78 7.17
CA SER A 54 -9.15 26.49 6.13
C SER A 54 -8.46 26.07 4.85
N SER A 55 -7.16 26.33 4.77
CA SER A 55 -6.38 26.03 3.58
C SER A 55 -5.85 24.61 3.64
N ALA A 56 -6.25 23.89 4.68
CA ALA A 56 -5.82 22.50 4.81
C ALA A 56 -6.17 21.71 3.54
N PRO A 57 -5.17 21.01 2.99
CA PRO A 57 -5.30 20.49 1.62
C PRO A 57 -6.12 19.20 1.54
N VAL A 58 -6.91 19.09 0.48
CA VAL A 58 -7.53 17.83 0.12
C VAL A 58 -7.00 17.47 -1.25
N ALA A 59 -6.33 16.34 -1.33
CA ALA A 59 -5.71 15.91 -2.58
C ALA A 59 -6.78 15.47 -3.55
N ALA A 60 -6.45 15.56 -4.83
CA ALA A 60 -7.28 14.99 -5.87
C ALA A 60 -7.54 13.52 -5.60
N ASN A 61 -8.79 13.10 -5.81
CA ASN A 61 -9.28 11.74 -5.67
C ASN A 61 -9.44 11.23 -4.24
N SER A 62 -9.01 12.03 -3.26
CA SER A 62 -9.10 11.64 -1.85
C SER A 62 -10.48 11.96 -1.33
N THR A 63 -10.87 11.34 -0.22
CA THR A 63 -12.24 11.48 0.27
C THR A 63 -12.35 12.42 1.47
N VAL A 64 -13.49 13.08 1.58
CA VAL A 64 -13.78 13.95 2.69
C VAL A 64 -15.21 13.74 3.11
N LYS A 65 -15.41 13.57 4.40
CA LYS A 65 -16.74 13.43 4.94
C LYS A 65 -17.40 14.79 4.99
N ILE A 66 -18.53 14.94 4.33
CA ILE A 66 -19.21 16.23 4.34
C ILE A 66 -20.59 16.09 4.97
N PRO A 67 -20.78 16.69 6.15
CA PRO A 67 -22.04 16.71 6.92
C PRO A 67 -23.01 17.74 6.39
N PHE A 68 -24.31 17.46 6.53
CA PHE A 68 -25.28 18.45 6.11
C PHE A 68 -26.63 18.18 6.79
N ARG A 69 -27.53 19.14 6.66
CA ARG A 69 -28.87 18.97 7.18
C ARG A 69 -29.73 18.21 6.20
N CYS A 70 -30.27 17.09 6.66
CA CYS A 70 -31.19 16.32 5.85
C CYS A 70 -32.64 16.67 6.17
N ARG A 71 -33.45 16.78 5.14
CA ARG A 71 -34.88 16.92 5.30
C ARG A 71 -35.63 15.78 4.64
N CYS A 72 -36.58 15.21 5.36
CA CYS A 72 -37.40 14.12 4.83
C CYS A 72 -38.69 14.70 4.28
N ASN A 73 -39.10 14.26 3.09
CA ASN A 73 -40.39 14.71 2.57
C ASN A 73 -41.54 13.73 2.62
N GLY A 74 -41.38 12.61 3.32
CA GLY A 74 -42.43 11.61 3.40
C GLY A 74 -42.08 10.37 2.60
N ASP A 75 -41.22 10.54 1.60
CA ASP A 75 -40.79 9.47 0.71
C ASP A 75 -39.29 9.33 0.77
N VAL A 76 -38.63 10.46 0.85
CA VAL A 76 -37.22 10.52 0.61
C VAL A 76 -36.57 11.52 1.54
N GLY A 77 -35.27 11.36 1.75
CA GLY A 77 -34.49 12.33 2.49
C GLY A 77 -33.56 13.06 1.52
N GLN A 78 -33.52 14.38 1.58
CA GLN A 78 -32.65 15.16 0.70
C GLN A 78 -31.93 16.21 1.50
N SER A 79 -30.72 16.56 1.08
CA SER A 79 -29.99 17.66 1.71
C SER A 79 -30.89 18.90 1.59
N ASP A 80 -31.02 19.63 2.68
CA ASP A 80 -32.13 20.59 2.82
C ASP A 80 -31.93 21.92 2.08
N ARG A 81 -32.35 21.96 0.82
CA ARG A 81 -32.20 23.12 -0.06
C ARG A 81 -30.75 23.58 -0.24
N LEU A 82 -29.81 22.73 0.17
CA LEU A 82 -28.38 22.93 -0.03
C LEU A 82 -27.81 21.59 -0.43
N PRO A 83 -26.66 21.57 -1.11
CA PRO A 83 -25.90 22.72 -1.60
C PRO A 83 -26.52 23.34 -2.86
N ILE A 84 -26.08 24.56 -3.18
CA ILE A 84 -26.54 25.26 -4.38
C ILE A 84 -25.47 25.22 -5.46
N TYR A 85 -25.86 24.85 -6.68
CA TYR A 85 -24.88 24.83 -7.77
C TYR A 85 -25.24 25.81 -8.88
N VAL A 86 -24.27 26.65 -9.23
CA VAL A 86 -24.43 27.60 -10.34
C VAL A 86 -23.94 27.03 -11.68
N VAL A 87 -24.86 26.89 -12.61
CA VAL A 87 -24.58 26.31 -13.93
C VAL A 87 -23.50 27.10 -14.69
N GLN A 88 -22.55 26.37 -15.26
CA GLN A 88 -21.47 26.98 -16.00
C GLN A 88 -21.65 26.96 -17.51
N PRO A 89 -20.86 27.78 -18.24
CA PRO A 89 -20.91 27.89 -19.70
C PRO A 89 -21.19 26.58 -20.43
N GLN A 90 -20.40 25.54 -20.18
CA GLN A 90 -20.58 24.26 -20.85
C GLN A 90 -20.90 23.11 -19.89
N ASP A 91 -21.83 23.35 -18.97
CA ASP A 91 -22.25 22.34 -18.02
C ASP A 91 -23.46 21.61 -18.55
N GLY A 92 -23.59 20.34 -18.18
CA GLY A 92 -24.79 19.56 -18.40
C GLY A 92 -25.16 18.90 -17.09
N LEU A 93 -26.44 18.68 -16.87
CA LEU A 93 -26.95 18.14 -15.62
C LEU A 93 -26.22 16.84 -15.28
N ASP A 94 -26.05 16.01 -16.30
CA ASP A 94 -25.40 14.71 -16.14
C ASP A 94 -23.93 14.85 -15.80
N ALA A 95 -23.25 15.82 -16.39
CA ALA A 95 -21.85 16.06 -16.05
C ALA A 95 -21.72 16.66 -14.65
N ILE A 96 -22.66 17.49 -14.25
CA ILE A 96 -22.66 18.06 -12.91
C ILE A 96 -22.88 16.96 -11.87
N ALA A 97 -23.91 16.16 -12.11
CA ALA A 97 -24.23 15.02 -11.28
C ALA A 97 -23.03 14.08 -11.12
N ARG A 98 -22.41 13.71 -12.23
CA ARG A 98 -21.35 12.70 -12.22
C ARG A 98 -19.94 13.21 -11.90
N ASN A 99 -19.60 14.38 -12.45
CA ASN A 99 -18.26 14.92 -12.36
C ASN A 99 -18.07 15.91 -11.21
N VAL A 100 -19.17 16.45 -10.70
CA VAL A 100 -19.07 17.31 -9.52
C VAL A 100 -19.54 16.63 -8.21
N PHE A 101 -20.64 15.88 -8.29
CA PHE A 101 -21.24 15.29 -7.11
C PHE A 101 -21.21 13.76 -7.06
N ASN A 102 -20.16 13.20 -7.69
CA ASN A 102 -19.84 11.80 -7.49
C ASN A 102 -20.96 10.88 -7.95
N ALA A 103 -21.85 11.38 -8.78
CA ALA A 103 -23.09 10.66 -9.12
C ALA A 103 -23.91 10.24 -7.86
N PHE A 104 -23.80 11.01 -6.78
CA PHE A 104 -24.68 10.77 -5.63
C PHE A 104 -26.12 11.07 -6.00
N VAL A 105 -26.31 11.90 -7.02
CA VAL A 105 -27.63 12.10 -7.60
C VAL A 105 -27.60 11.83 -9.10
N THR A 106 -28.75 11.53 -9.70
CA THR A 106 -28.84 11.46 -11.16
C THR A 106 -29.34 12.78 -11.70
N TYR A 107 -29.18 12.99 -13.01
CA TYR A 107 -29.62 14.25 -13.62
C TYR A 107 -31.13 14.37 -13.55
N GLN A 108 -31.80 13.22 -13.55
CA GLN A 108 -33.25 13.16 -13.34
C GLN A 108 -33.63 13.74 -11.98
N GLU A 109 -32.91 13.34 -10.93
CA GLU A 109 -33.17 13.86 -9.59
C GLU A 109 -32.87 15.33 -9.52
N ILE A 110 -31.80 15.77 -10.18
CA ILE A 110 -31.54 17.20 -10.23
C ILE A 110 -32.67 17.88 -11.01
N ALA A 111 -33.23 17.17 -11.98
CA ALA A 111 -34.31 17.72 -12.78
C ALA A 111 -35.59 17.90 -11.93
N ALA A 112 -36.03 16.82 -11.29
CA ALA A 112 -37.25 16.88 -10.49
C ALA A 112 -37.16 17.90 -9.35
N ALA A 113 -35.99 17.98 -8.71
CA ALA A 113 -35.79 18.86 -7.57
C ALA A 113 -35.85 20.36 -7.90
N ASN A 114 -35.50 20.73 -9.13
CA ASN A 114 -35.50 22.15 -9.46
C ASN A 114 -36.69 22.57 -10.30
N ASN A 115 -37.65 21.65 -10.40
CA ASN A 115 -38.97 21.87 -11.03
C ASN A 115 -38.99 22.39 -12.45
N ILE A 116 -38.09 23.31 -12.77
CA ILE A 116 -38.02 23.89 -14.11
C ILE A 116 -37.61 22.87 -15.19
N PRO A 117 -36.71 21.93 -14.85
CA PRO A 117 -36.46 20.98 -15.95
C PRO A 117 -37.50 19.87 -16.09
N ASP A 118 -38.07 19.78 -17.28
CA ASP A 118 -38.89 18.64 -17.67
C ASP A 118 -38.09 17.96 -18.79
N PRO A 119 -37.39 18.75 -19.62
CA PRO A 119 -36.28 18.14 -20.34
C PRO A 119 -35.00 18.83 -19.88
N ASN A 120 -33.84 18.40 -20.38
CA ASN A 120 -32.61 19.04 -19.96
C ASN A 120 -32.18 20.21 -20.86
N LYS A 121 -32.77 21.35 -20.51
CA LYS A 121 -32.51 22.62 -21.15
C LYS A 121 -32.22 23.58 -19.99
N ILE A 122 -31.01 24.13 -19.94
CA ILE A 122 -30.62 24.94 -18.78
C ILE A 122 -29.76 26.14 -19.15
N ASN A 123 -29.75 27.14 -18.26
CA ASN A 123 -29.00 28.35 -18.55
C ASN A 123 -27.84 28.62 -17.60
N VAL A 124 -26.75 29.13 -18.13
CA VAL A 124 -25.57 29.49 -17.35
C VAL A 124 -25.86 30.47 -16.22
N SER A 125 -25.21 30.26 -15.08
CA SER A 125 -25.30 31.13 -13.89
C SER A 125 -26.61 30.97 -13.12
N GLN A 126 -27.48 30.12 -13.65
CA GLN A 126 -28.67 29.66 -12.94
C GLN A 126 -28.25 28.87 -11.69
N THR A 127 -29.02 28.99 -10.60
CA THR A 127 -28.74 28.23 -9.40
C THR A 127 -29.58 26.96 -9.34
N LEU A 128 -28.92 25.85 -9.05
CA LEU A 128 -29.58 24.56 -8.94
C LEU A 128 -29.45 24.02 -7.51
N TRP A 129 -30.55 23.51 -6.95
CA TRP A 129 -30.50 22.80 -5.68
C TRP A 129 -30.08 21.36 -5.96
N ILE A 130 -28.98 20.94 -5.35
CA ILE A 130 -28.54 19.55 -5.50
C ILE A 130 -29.05 18.71 -4.30
N PRO A 131 -30.00 17.80 -4.54
CA PRO A 131 -30.56 16.99 -3.45
C PRO A 131 -29.71 15.78 -3.08
N LEU A 132 -28.60 15.98 -2.37
CA LEU A 132 -27.81 14.85 -1.87
C LEU A 132 -28.67 13.86 -1.07
N PRO A 133 -28.45 12.57 -1.31
CA PRO A 133 -29.29 11.55 -0.68
C PRO A 133 -29.01 11.37 0.82
N CYS A 134 -30.09 11.22 1.58
CA CYS A 134 -29.98 11.09 3.01
C CYS A 134 -31.26 10.49 3.56
N SER A 135 -31.27 10.28 4.87
CA SER A 135 -32.45 9.81 5.56
C SER A 135 -32.31 10.14 7.02
N CYS A 136 -33.44 10.12 7.73
CA CYS A 136 -33.37 10.24 9.17
C CYS A 136 -33.97 8.98 9.82
N ASP A 137 -34.19 7.92 9.03
CA ASP A 137 -34.74 6.67 9.56
C ASP A 137 -33.79 6.14 10.60
N LYS A 138 -34.34 5.55 11.66
CA LYS A 138 -33.55 4.78 12.61
C LYS A 138 -33.18 3.42 12.01
N GLU A 139 -32.17 2.78 12.60
CA GLU A 139 -31.80 1.44 12.19
C GLU A 139 -32.17 0.44 13.29
N GLU A 140 -33.25 -0.30 13.07
CA GLU A 140 -33.79 -1.23 14.05
C GLU A 140 -33.97 -0.55 15.42
N GLY A 141 -34.61 0.61 15.42
CA GLY A 141 -34.94 1.32 16.65
C GLY A 141 -33.83 2.21 17.21
N SER A 142 -32.64 2.15 16.63
CA SER A 142 -31.53 2.96 17.13
C SER A 142 -31.28 4.18 16.25
N ASN A 143 -30.72 5.23 16.87
CA ASN A 143 -30.38 6.42 16.12
C ASN A 143 -29.07 6.27 15.37
N VAL A 144 -29.09 6.68 14.10
CA VAL A 144 -27.92 6.56 13.24
C VAL A 144 -27.68 7.84 12.46
N MET A 145 -26.45 8.02 12.01
CA MET A 145 -26.15 9.02 11.02
C MET A 145 -26.01 8.35 9.66
N HIS A 146 -26.87 8.72 8.72
CA HIS A 146 -26.79 8.15 7.37
C HIS A 146 -25.66 8.75 6.51
N LEU A 147 -24.83 7.88 6.00
CA LEU A 147 -23.69 8.25 5.17
C LEU A 147 -23.85 7.68 3.78
N ALA A 148 -23.79 8.57 2.79
CA ALA A 148 -23.81 8.18 1.38
C ALA A 148 -22.42 7.78 1.00
N TYR A 149 -22.30 6.55 0.50
CA TYR A 149 -20.99 5.95 0.22
C TYR A 149 -20.92 5.40 -1.21
N SER A 150 -19.90 5.83 -1.97
CA SER A 150 -19.69 5.33 -3.31
C SER A 150 -18.71 4.15 -3.30
N VAL A 151 -19.19 2.99 -3.70
CA VAL A 151 -18.38 1.77 -3.66
C VAL A 151 -17.13 1.88 -4.54
N GLY A 152 -16.00 1.56 -3.93
CA GLY A 152 -14.72 1.54 -4.61
C GLY A 152 -14.50 0.25 -5.37
N LYS A 153 -13.58 0.29 -6.33
CA LYS A 153 -13.26 -0.89 -7.12
C LYS A 153 -12.61 -1.98 -6.27
N GLY A 154 -13.13 -3.19 -6.40
CA GLY A 154 -12.61 -4.34 -5.69
C GLY A 154 -13.19 -4.46 -4.30
N GLU A 155 -14.06 -3.52 -3.90
CA GLU A 155 -14.67 -3.58 -2.58
C GLU A 155 -15.82 -4.60 -2.46
N ASN A 156 -16.03 -5.07 -1.23
CA ASN A 156 -17.13 -5.97 -0.93
C ASN A 156 -17.97 -5.45 0.25
N THR A 157 -19.19 -5.96 0.39
CA THR A 157 -20.10 -5.44 1.39
C THR A 157 -19.64 -5.79 2.80
N SER A 158 -18.89 -6.88 2.91
CA SER A 158 -18.37 -7.31 4.19
C SER A 158 -17.40 -6.29 4.74
N ALA A 159 -16.39 -5.95 3.94
CA ALA A 159 -15.36 -5.02 4.40
C ALA A 159 -15.93 -3.61 4.57
N ILE A 160 -16.89 -3.24 3.73
CA ILE A 160 -17.50 -1.92 3.84
C ILE A 160 -18.29 -1.82 5.14
N ALA A 161 -19.13 -2.82 5.41
CA ALA A 161 -19.89 -2.85 6.64
C ALA A 161 -18.98 -2.79 7.85
N ALA A 162 -17.92 -3.59 7.84
CA ALA A 162 -17.03 -3.67 9.00
C ALA A 162 -16.33 -2.36 9.22
N LYS A 163 -15.83 -1.76 8.15
CA LYS A 163 -15.18 -0.47 8.29
C LYS A 163 -16.10 0.58 8.96
N TYR A 164 -17.42 0.46 8.78
CA TYR A 164 -18.32 1.44 9.37
C TYR A 164 -19.03 0.94 10.62
N GLY A 165 -18.51 -0.16 11.18
CA GLY A 165 -18.99 -0.67 12.46
C GLY A 165 -20.45 -1.03 12.33
N VAL A 166 -20.76 -1.65 11.21
CA VAL A 166 -22.10 -2.03 10.90
C VAL A 166 -22.11 -3.50 10.51
N THR A 167 -23.22 -4.16 10.77
CA THR A 167 -23.41 -5.54 10.34
C THR A 167 -23.62 -5.61 8.83
N GLU A 168 -23.03 -6.63 8.19
CA GLU A 168 -23.18 -6.79 6.76
C GLU A 168 -24.65 -6.93 6.32
N SER A 169 -25.46 -7.68 7.06
CA SER A 169 -26.87 -7.84 6.69
C SER A 169 -27.65 -6.53 6.84
N THR A 170 -27.30 -5.77 7.86
CA THR A 170 -27.83 -4.40 7.99
C THR A 170 -27.51 -3.60 6.72
N LEU A 171 -26.27 -3.67 6.27
CA LEU A 171 -25.88 -2.94 5.08
C LEU A 171 -26.71 -3.46 3.91
N LEU A 172 -26.84 -4.78 3.83
CA LEU A 172 -27.57 -5.45 2.74
C LEU A 172 -29.07 -5.22 2.72
N THR A 173 -29.71 -5.25 3.88
CA THR A 173 -31.16 -5.02 3.90
C THR A 173 -31.49 -3.56 3.68
N ARG A 174 -30.71 -2.70 4.32
CA ARG A 174 -30.90 -1.26 4.15
C ARG A 174 -30.78 -0.89 2.68
N ASN A 175 -29.88 -1.53 1.96
CA ASN A 175 -29.72 -1.14 0.58
C ASN A 175 -30.37 -2.05 -0.45
N LYS A 176 -31.23 -2.96 0.03
CA LYS A 176 -31.93 -3.94 -0.80
C LYS A 176 -31.00 -4.63 -1.80
N ILE A 177 -29.93 -5.21 -1.30
CA ILE A 177 -28.97 -5.91 -2.14
C ILE A 177 -29.18 -7.40 -1.99
N ASP A 178 -29.71 -8.02 -3.04
CA ASP A 178 -30.00 -9.45 -3.04
C ASP A 178 -28.71 -10.24 -3.12
N ASP A 179 -27.81 -9.79 -3.99
CA ASP A 179 -26.55 -10.50 -4.20
C ASP A 179 -25.34 -9.56 -4.05
N PRO A 180 -24.62 -9.70 -2.94
CA PRO A 180 -23.40 -8.96 -2.60
C PRO A 180 -22.37 -9.02 -3.73
N THR A 181 -22.25 -10.19 -4.38
CA THR A 181 -21.21 -10.37 -5.40
C THR A 181 -21.44 -9.47 -6.60
N LYS A 182 -22.65 -8.96 -6.72
CA LYS A 182 -23.02 -8.11 -7.84
C LYS A 182 -22.71 -6.64 -7.57
N LEU A 183 -22.06 -6.35 -6.45
CA LEU A 183 -21.74 -4.97 -6.06
C LEU A 183 -20.97 -4.27 -7.18
N GLN A 184 -21.46 -3.14 -7.64
CA GLN A 184 -20.72 -2.39 -8.66
C GLN A 184 -19.91 -1.22 -8.13
N MET A 185 -18.80 -0.98 -8.79
CA MET A 185 -18.02 0.22 -8.56
C MET A 185 -18.93 1.43 -8.82
N GLY A 186 -18.92 2.39 -7.89
CA GLY A 186 -19.69 3.60 -8.08
C GLY A 186 -21.14 3.48 -7.66
N GLN A 187 -21.55 2.27 -7.28
CA GLN A 187 -22.86 2.10 -6.64
C GLN A 187 -22.90 2.91 -5.33
N ILE A 188 -23.98 3.64 -5.14
CA ILE A 188 -24.17 4.48 -3.99
C ILE A 188 -24.90 3.73 -2.87
N LEU A 189 -24.23 3.57 -1.74
CA LEU A 189 -24.82 2.88 -0.60
C LEU A 189 -25.23 3.87 0.52
N ASP A 190 -26.36 3.57 1.16
CA ASP A 190 -26.83 4.26 2.35
C ASP A 190 -26.30 3.47 3.56
N VAL A 191 -25.29 4.02 4.22
CA VAL A 191 -24.65 3.37 5.36
C VAL A 191 -25.13 3.94 6.69
N PRO A 192 -25.90 3.15 7.47
CA PRO A 192 -26.38 3.71 8.74
C PRO A 192 -25.34 3.63 9.87
N LEU A 193 -24.56 4.69 10.04
CA LEU A 193 -23.55 4.74 11.09
C LEU A 193 -24.19 4.73 12.47
N PRO A 194 -23.82 3.73 13.29
CA PRO A 194 -24.33 3.43 14.63
C PRO A 194 -24.22 4.68 15.49
N VAL A 195 -23.17 5.46 15.25
CA VAL A 195 -22.96 6.74 15.91
C VAL A 195 -24.24 7.57 16.09
N ALA B 1 7.17 4.26 -24.86
CA ALA B 1 6.65 2.97 -25.28
C ALA B 1 6.75 1.87 -24.19
N ASN B 2 5.61 1.26 -23.82
CA ASN B 2 5.59 0.08 -22.95
C ASN B 2 6.38 0.24 -21.62
N PHE B 3 7.21 -0.73 -21.26
CA PHE B 3 8.29 -0.54 -20.29
C PHE B 3 9.59 -0.59 -21.08
N THR B 4 10.51 0.34 -20.82
CA THR B 4 11.78 0.31 -21.53
C THR B 4 12.64 -0.82 -21.00
N CYS B 5 13.56 -1.28 -21.83
CA CYS B 5 14.48 -2.33 -21.40
C CYS B 5 15.77 -2.03 -22.08
N ALA B 6 16.86 -2.00 -21.31
CA ALA B 6 18.13 -1.54 -21.82
C ALA B 6 19.18 -2.64 -21.88
N VAL B 7 18.77 -3.88 -21.70
CA VAL B 7 19.70 -4.96 -21.85
C VAL B 7 19.88 -5.33 -23.33
N ALA B 8 20.75 -6.30 -23.59
CA ALA B 8 20.99 -6.72 -24.96
C ALA B 8 19.72 -7.27 -25.58
N SER B 9 19.46 -6.88 -26.83
CA SER B 9 18.34 -7.40 -27.60
C SER B 9 18.37 -8.93 -27.59
N GLY B 10 17.21 -9.56 -27.41
CA GLY B 10 17.10 -11.01 -27.38
C GLY B 10 17.14 -11.60 -25.97
N THR B 11 17.41 -10.76 -24.99
CA THR B 11 17.40 -11.21 -23.62
C THR B 11 15.99 -11.59 -23.18
N THR B 12 15.85 -12.73 -22.52
CA THR B 12 14.57 -13.03 -21.89
C THR B 12 14.70 -13.20 -20.35
N CYS B 13 13.68 -12.79 -19.62
CA CYS B 13 13.65 -13.05 -18.18
C CYS B 13 12.22 -13.24 -17.73
N LYS B 14 12.03 -13.56 -16.45
CA LYS B 14 10.69 -13.68 -15.90
C LYS B 14 10.15 -12.33 -15.44
N SER B 15 8.93 -12.01 -15.88
CA SER B 15 8.23 -10.82 -15.41
C SER B 15 6.81 -11.20 -15.00
N ALA B 16 6.01 -10.21 -14.59
CA ALA B 16 4.62 -10.46 -14.24
C ALA B 16 3.75 -9.22 -14.43
N ILE B 17 2.45 -9.44 -14.59
CA ILE B 17 1.47 -8.38 -14.51
C ILE B 17 0.62 -8.70 -13.31
N LEU B 18 0.13 -7.67 -12.62
CA LEU B 18 -0.86 -7.89 -11.59
C LEU B 18 -2.19 -7.77 -12.28
N TYR B 19 -2.82 -8.90 -12.54
CA TYR B 19 -4.00 -8.92 -13.37
C TYR B 19 -5.29 -8.78 -12.60
N THR B 20 -6.16 -7.90 -13.07
CA THR B 20 -7.49 -7.78 -12.47
C THR B 20 -8.56 -8.51 -13.30
N SER B 21 -9.17 -9.53 -12.71
CA SER B 21 -10.12 -10.33 -13.45
C SER B 21 -11.43 -9.59 -13.74
N PRO B 22 -11.74 -9.39 -15.02
CA PRO B 22 -12.99 -8.68 -15.37
C PRO B 22 -14.23 -9.43 -14.88
N ASN B 23 -14.17 -10.76 -14.83
CA ASN B 23 -15.32 -11.59 -14.48
C ASN B 23 -14.99 -12.64 -13.43
N ALA B 24 -15.99 -13.34 -12.94
CA ALA B 24 -15.74 -14.52 -12.10
C ALA B 24 -15.21 -15.57 -13.04
N THR B 25 -14.14 -16.24 -12.63
CA THR B 25 -13.52 -17.20 -13.51
C THR B 25 -12.83 -18.23 -12.62
N THR B 26 -11.88 -18.97 -13.17
CA THR B 26 -11.09 -19.91 -12.39
C THR B 26 -9.62 -19.76 -12.77
N TYR B 27 -8.74 -20.33 -11.95
CA TYR B 27 -7.31 -20.35 -12.25
C TYR B 27 -7.01 -21.01 -13.60
N GLY B 28 -7.72 -22.10 -13.87
CA GLY B 28 -7.58 -22.82 -15.11
C GLY B 28 -7.87 -21.95 -16.32
N ASN B 29 -8.95 -21.18 -16.25
CA ASN B 29 -9.29 -20.28 -17.35
C ASN B 29 -8.21 -19.21 -17.55
N LEU B 30 -7.66 -18.73 -16.44
CA LEU B 30 -6.59 -17.75 -16.49
C LEU B 30 -5.36 -18.33 -17.16
N VAL B 31 -4.99 -19.53 -16.77
CA VAL B 31 -3.89 -20.25 -17.40
C VAL B 31 -4.09 -20.39 -18.91
N ALA B 32 -5.30 -20.76 -19.33
CA ALA B 32 -5.59 -20.95 -20.74
C ALA B 32 -5.53 -19.63 -21.50
N ARG B 33 -6.16 -18.60 -20.96
CA ARG B 33 -6.17 -17.29 -21.61
C ARG B 33 -4.78 -16.71 -21.76
N PHE B 34 -3.94 -16.90 -20.76
CA PHE B 34 -2.62 -16.31 -20.82
C PHE B 34 -1.62 -17.28 -21.44
N ASN B 35 -1.67 -18.53 -21.01
CA ASN B 35 -0.83 -19.59 -21.58
C ASN B 35 0.63 -19.22 -21.52
N THR B 36 1.02 -18.49 -20.48
CA THR B 36 2.39 -18.02 -20.29
C THR B 36 3.05 -18.72 -19.10
N THR B 37 2.28 -19.55 -18.40
CA THR B 37 2.70 -20.15 -17.13
C THR B 37 1.94 -21.44 -16.84
N THR B 38 2.47 -22.28 -15.96
CA THR B 38 1.77 -23.51 -15.62
C THR B 38 0.85 -23.24 -14.44
N LEU B 39 -0.12 -24.11 -14.21
CA LEU B 39 -0.97 -23.93 -13.04
C LEU B 39 -0.17 -23.91 -11.72
N PRO B 40 0.72 -24.89 -11.48
CA PRO B 40 1.42 -24.81 -10.20
C PRO B 40 2.27 -23.55 -10.05
N ASP B 41 2.83 -23.04 -11.15
CA ASP B 41 3.61 -21.82 -11.07
C ASP B 41 2.74 -20.59 -10.82
N LEU B 42 1.54 -20.56 -11.42
CA LEU B 42 0.58 -19.49 -11.15
C LEU B 42 0.20 -19.52 -9.66
N LEU B 43 -0.10 -20.70 -9.13
CA LEU B 43 -0.44 -20.86 -7.71
C LEU B 43 0.67 -20.36 -6.81
N GLY B 44 1.90 -20.69 -7.16
CA GLY B 44 3.05 -20.26 -6.37
C GLY B 44 3.23 -18.76 -6.36
N ALA B 45 3.11 -18.14 -7.52
CA ALA B 45 3.27 -16.69 -7.62
C ALA B 45 2.25 -15.96 -6.78
N ASN B 46 1.12 -16.59 -6.49
CA ASN B 46 0.08 -15.96 -5.69
C ASN B 46 -0.06 -16.52 -4.28
N GLY B 47 0.97 -17.24 -3.82
CA GLY B 47 1.03 -17.73 -2.46
C GLY B 47 -0.14 -18.61 -2.08
N LEU B 48 -0.62 -19.39 -3.03
CA LEU B 48 -1.80 -20.21 -2.83
C LEU B 48 -1.44 -21.66 -2.57
N PRO B 49 -2.29 -22.37 -1.79
CA PRO B 49 -1.91 -23.75 -1.49
C PRO B 49 -1.85 -24.58 -2.75
N ASP B 50 -0.87 -25.48 -2.76
CA ASP B 50 -0.62 -26.36 -3.88
C ASP B 50 -1.83 -27.21 -4.26
N GLY B 51 -2.67 -27.52 -3.28
CA GLY B 51 -3.85 -28.34 -3.51
C GLY B 51 -5.00 -27.56 -4.14
N THR B 52 -4.75 -26.31 -4.49
CA THR B 52 -5.78 -25.51 -5.14
C THR B 52 -6.05 -26.10 -6.50
N LEU B 53 -7.32 -26.37 -6.78
CA LEU B 53 -7.71 -26.97 -8.05
C LEU B 53 -7.78 -25.91 -9.12
N SER B 54 -7.59 -26.32 -10.38
CA SER B 54 -7.67 -25.38 -11.48
C SER B 54 -9.11 -24.84 -11.64
N SER B 55 -10.08 -25.53 -11.02
CA SER B 55 -11.48 -25.12 -11.10
C SER B 55 -11.87 -24.16 -9.98
N ALA B 56 -10.93 -23.91 -9.07
CA ALA B 56 -11.14 -22.97 -7.97
C ALA B 56 -11.41 -21.58 -8.48
N PRO B 57 -12.42 -20.90 -7.91
CA PRO B 57 -12.89 -19.61 -8.43
C PRO B 57 -11.98 -18.44 -8.07
N VAL B 58 -11.85 -17.51 -9.02
CA VAL B 58 -11.31 -16.21 -8.71
C VAL B 58 -12.44 -15.24 -9.03
N ALA B 59 -12.76 -14.41 -8.06
CA ALA B 59 -13.88 -13.50 -8.20
C ALA B 59 -13.58 -12.35 -9.17
N ALA B 60 -14.65 -11.82 -9.76
CA ALA B 60 -14.56 -10.58 -10.51
C ALA B 60 -13.95 -9.49 -9.61
N ASN B 61 -13.07 -8.69 -10.21
CA ASN B 61 -12.39 -7.59 -9.56
C ASN B 61 -11.27 -7.97 -8.63
N SER B 62 -11.05 -9.26 -8.42
CA SER B 62 -9.93 -9.68 -7.58
C SER B 62 -8.69 -9.69 -8.47
N THR B 63 -7.51 -9.59 -7.85
CA THR B 63 -6.28 -9.51 -8.62
C THR B 63 -5.49 -10.82 -8.53
N VAL B 64 -4.74 -11.14 -9.58
CA VAL B 64 -3.89 -12.31 -9.57
C VAL B 64 -2.59 -11.94 -10.29
N LYS B 65 -1.48 -12.34 -9.69
CA LYS B 65 -0.16 -12.15 -10.28
C LYS B 65 0.00 -13.17 -11.41
N ILE B 66 0.31 -12.70 -12.61
CA ILE B 66 0.50 -13.62 -13.73
C ILE B 66 1.89 -13.48 -14.29
N PRO B 67 2.73 -14.51 -14.03
CA PRO B 67 4.12 -14.54 -14.50
C PRO B 67 4.18 -14.96 -15.95
N PHE B 68 5.16 -14.43 -16.68
CA PHE B 68 5.37 -14.78 -18.07
C PHE B 68 6.82 -14.51 -18.39
N ARG B 69 7.29 -15.03 -19.54
CA ARG B 69 8.63 -14.76 -20.04
C ARG B 69 8.64 -13.42 -20.77
N CYS B 70 9.50 -12.51 -20.34
CA CYS B 70 9.69 -11.25 -21.02
C CYS B 70 10.85 -11.30 -22.00
N ARG B 71 10.65 -10.74 -23.19
CA ARG B 71 11.75 -10.61 -24.14
C ARG B 71 12.03 -9.17 -24.43
N CYS B 72 13.30 -8.79 -24.35
CA CYS B 72 13.68 -7.41 -24.59
C CYS B 72 14.21 -7.27 -25.98
N ASN B 73 13.76 -6.24 -26.68
CA ASN B 73 14.40 -5.91 -27.92
C ASN B 73 15.38 -4.83 -27.52
N GLY B 74 16.03 -4.17 -28.46
CA GLY B 74 17.00 -3.18 -28.03
C GLY B 74 16.46 -2.09 -27.11
N ASP B 75 15.14 -1.93 -27.10
CA ASP B 75 14.51 -0.72 -26.56
C ASP B 75 13.50 -0.94 -25.44
N VAL B 76 12.73 -2.01 -25.57
CA VAL B 76 11.53 -2.19 -24.79
C VAL B 76 11.35 -3.68 -24.43
N GLY B 77 10.64 -3.99 -23.36
CA GLY B 77 10.39 -5.38 -23.02
C GLY B 77 8.96 -5.78 -23.25
N GLN B 78 8.75 -6.92 -23.90
CA GLN B 78 7.40 -7.40 -24.23
C GLN B 78 7.24 -8.86 -23.87
N SER B 79 6.05 -9.28 -23.45
CA SER B 79 5.86 -10.72 -23.19
C SER B 79 6.17 -11.47 -24.49
N ASP B 80 6.96 -12.53 -24.37
CA ASP B 80 7.64 -13.13 -25.52
C ASP B 80 6.70 -13.95 -26.42
N ARG B 81 6.12 -13.30 -27.41
CA ARG B 81 5.21 -13.92 -28.38
C ARG B 81 4.01 -14.62 -27.76
N LEU B 82 3.78 -14.33 -26.49
CA LEU B 82 2.59 -14.78 -25.80
C LEU B 82 2.15 -13.60 -24.95
N PRO B 83 0.87 -13.57 -24.57
CA PRO B 83 -0.20 -14.48 -24.95
C PRO B 83 -0.71 -14.19 -26.35
N ILE B 84 -1.44 -15.15 -26.89
CA ILE B 84 -2.11 -15.00 -28.15
C ILE B 84 -3.58 -14.86 -27.89
N TYR B 85 -4.17 -13.82 -28.48
CA TYR B 85 -5.60 -13.61 -28.37
C TYR B 85 -6.30 -13.81 -29.73
N VAL B 86 -7.34 -14.64 -29.76
CA VAL B 86 -8.14 -14.84 -30.97
C VAL B 86 -9.33 -13.88 -31.05
N VAL B 87 -9.35 -13.03 -32.08
CA VAL B 87 -10.39 -12.01 -32.19
C VAL B 87 -11.76 -12.67 -32.25
N GLN B 88 -12.66 -12.23 -31.37
CA GLN B 88 -14.04 -12.75 -31.29
C GLN B 88 -15.07 -11.87 -31.99
N PRO B 89 -16.25 -12.44 -32.34
CA PRO B 89 -17.36 -11.62 -32.80
C PRO B 89 -17.61 -10.49 -31.81
N GLN B 90 -18.03 -9.33 -32.32
CA GLN B 90 -18.30 -8.15 -31.50
C GLN B 90 -17.02 -7.49 -30.94
N ASP B 91 -15.84 -7.94 -31.36
CA ASP B 91 -14.64 -7.38 -30.76
C ASP B 91 -14.10 -6.17 -31.52
N GLY B 92 -13.47 -5.28 -30.78
CA GLY B 92 -12.68 -4.19 -31.33
C GLY B 92 -11.33 -4.18 -30.62
N LEU B 93 -10.31 -3.72 -31.32
CA LEU B 93 -8.97 -3.70 -30.77
C LEU B 93 -8.87 -2.98 -29.42
N ASP B 94 -9.52 -1.84 -29.33
CA ASP B 94 -9.48 -1.02 -28.13
C ASP B 94 -10.13 -1.71 -26.96
N ALA B 95 -11.26 -2.34 -27.25
CA ALA B 95 -12.01 -3.04 -26.22
C ALA B 95 -11.23 -4.28 -25.71
N ILE B 96 -10.45 -4.91 -26.59
CA ILE B 96 -9.60 -6.03 -26.23
C ILE B 96 -8.49 -5.58 -25.27
N ALA B 97 -7.81 -4.50 -25.63
CA ALA B 97 -6.76 -3.91 -24.80
C ALA B 97 -7.26 -3.58 -23.40
N ARG B 98 -8.40 -2.89 -23.33
CA ARG B 98 -8.93 -2.35 -22.07
C ARG B 98 -9.78 -3.36 -21.30
N ASN B 99 -10.64 -4.11 -21.99
CA ASN B 99 -11.58 -4.96 -21.28
C ASN B 99 -11.09 -6.40 -21.05
N VAL B 100 -10.12 -6.83 -21.85
CA VAL B 100 -9.53 -8.16 -21.63
C VAL B 100 -8.19 -8.06 -20.91
N PHE B 101 -7.39 -7.08 -21.31
CA PHE B 101 -6.05 -6.99 -20.79
C PHE B 101 -5.77 -5.75 -19.90
N ASN B 102 -6.79 -5.25 -19.20
CA ASN B 102 -6.60 -4.24 -18.14
C ASN B 102 -5.91 -2.98 -18.61
N ALA B 103 -5.95 -2.69 -19.91
CA ALA B 103 -5.18 -1.59 -20.52
C ALA B 103 -3.68 -1.66 -20.21
N PHE B 104 -3.15 -2.87 -20.05
CA PHE B 104 -1.70 -3.04 -19.95
C PHE B 104 -1.04 -2.70 -21.27
N VAL B 105 -1.80 -2.81 -22.35
CA VAL B 105 -1.36 -2.33 -23.64
C VAL B 105 -2.42 -1.40 -24.21
N THR B 106 -2.01 -0.55 -25.14
CA THR B 106 -2.94 0.24 -25.92
C THR B 106 -3.23 -0.48 -27.25
N TYR B 107 -4.24 -0.01 -27.96
CA TYR B 107 -4.54 -0.60 -29.26
C TYR B 107 -3.45 -0.30 -30.29
N GLN B 108 -2.81 0.87 -30.17
CA GLN B 108 -1.67 1.17 -31.04
C GLN B 108 -0.55 0.16 -30.80
N GLU B 109 -0.33 -0.21 -29.54
CA GLU B 109 0.68 -1.23 -29.27
C GLU B 109 0.35 -2.60 -29.82
N ILE B 110 -0.91 -3.02 -29.69
CA ILE B 110 -1.33 -4.28 -30.30
C ILE B 110 -1.12 -4.23 -31.82
N ALA B 111 -1.61 -3.17 -32.45
CA ALA B 111 -1.50 -2.96 -33.89
C ALA B 111 -0.08 -3.05 -34.39
N ALA B 112 0.82 -2.25 -33.79
CA ALA B 112 2.23 -2.24 -34.20
C ALA B 112 2.86 -3.60 -34.02
N ALA B 113 2.53 -4.27 -32.94
CA ALA B 113 3.09 -5.59 -32.67
C ALA B 113 2.59 -6.60 -33.69
N ASN B 114 1.39 -6.38 -34.20
CA ASN B 114 0.81 -7.34 -35.14
C ASN B 114 0.76 -6.84 -36.58
N ASN B 115 1.51 -5.77 -36.86
CA ASN B 115 1.60 -5.26 -38.22
C ASN B 115 0.22 -4.90 -38.80
N ILE B 116 -0.71 -4.54 -37.93
CA ILE B 116 -2.01 -4.06 -38.36
C ILE B 116 -1.81 -2.66 -38.88
N PRO B 117 -2.17 -2.41 -40.15
CA PRO B 117 -2.01 -1.04 -40.69
C PRO B 117 -3.10 -0.08 -40.24
N ASP B 118 -4.35 -0.54 -40.14
CA ASP B 118 -5.45 0.25 -39.59
C ASP B 118 -6.04 -0.40 -38.33
N PRO B 119 -5.76 0.16 -37.14
CA PRO B 119 -6.32 -0.41 -35.90
C PRO B 119 -7.84 -0.56 -35.85
N ASN B 120 -8.54 0.06 -36.80
CA ASN B 120 -9.99 0.01 -36.83
C ASN B 120 -10.50 -1.24 -37.52
N LYS B 121 -9.61 -1.97 -38.16
CA LYS B 121 -10.00 -3.16 -38.89
C LYS B 121 -9.27 -4.40 -38.44
N ILE B 122 -10.04 -5.36 -37.94
CA ILE B 122 -9.58 -6.68 -37.55
C ILE B 122 -10.68 -7.67 -37.88
N ASN B 123 -10.31 -8.94 -38.06
CA ASN B 123 -11.23 -9.99 -38.48
C ASN B 123 -11.51 -11.05 -37.40
N VAL B 124 -12.74 -11.55 -37.35
CA VAL B 124 -13.05 -12.67 -36.49
C VAL B 124 -12.06 -13.79 -36.78
N SER B 125 -11.54 -14.44 -35.73
CA SER B 125 -10.56 -15.54 -35.84
C SER B 125 -9.14 -15.10 -36.19
N GLN B 126 -8.92 -13.81 -36.37
CA GLN B 126 -7.56 -13.31 -36.50
C GLN B 126 -6.84 -13.50 -35.15
N THR B 127 -5.57 -13.90 -35.18
CA THR B 127 -4.81 -14.09 -33.94
C THR B 127 -3.89 -12.92 -33.65
N LEU B 128 -3.91 -12.45 -32.40
CA LEU B 128 -3.12 -11.31 -31.99
C LEU B 128 -2.12 -11.68 -30.91
N TRP B 129 -0.88 -11.25 -31.08
CA TRP B 129 0.12 -11.29 -30.04
C TRP B 129 -0.14 -10.08 -29.15
N ILE B 130 -0.40 -10.31 -27.87
CA ILE B 130 -0.56 -9.20 -26.93
C ILE B 130 0.78 -8.95 -26.24
N PRO B 131 1.43 -7.82 -26.55
CA PRO B 131 2.75 -7.56 -25.94
C PRO B 131 2.66 -6.89 -24.56
N LEU B 132 2.31 -7.64 -23.53
CA LEU B 132 2.31 -7.16 -22.15
C LEU B 132 3.66 -6.53 -21.83
N PRO B 133 3.64 -5.36 -21.16
CA PRO B 133 4.89 -4.64 -20.88
C PRO B 133 5.73 -5.31 -19.79
N CYS B 134 7.04 -5.32 -19.96
CA CYS B 134 7.92 -5.99 -19.01
C CYS B 134 9.31 -5.43 -19.20
N SER B 135 10.25 -5.89 -18.39
CA SER B 135 11.64 -5.48 -18.55
C SER B 135 12.55 -6.53 -17.88
N CYS B 136 13.82 -6.51 -18.26
CA CYS B 136 14.83 -7.32 -17.59
C CYS B 136 15.93 -6.44 -17.01
N ASP B 137 15.72 -5.12 -17.01
CA ASP B 137 16.68 -4.19 -16.42
C ASP B 137 16.85 -4.47 -14.94
N LYS B 138 18.07 -4.31 -14.45
CA LYS B 138 18.30 -4.26 -13.01
C LYS B 138 17.81 -2.90 -12.54
N GLU B 139 17.61 -2.78 -11.24
CA GLU B 139 17.29 -1.50 -10.62
C GLU B 139 18.49 -1.01 -9.84
N GLU B 140 19.21 -0.05 -10.43
CA GLU B 140 20.41 0.53 -9.83
C GLU B 140 21.38 -0.54 -9.32
N GLY B 141 21.68 -1.52 -10.17
CA GLY B 141 22.64 -2.57 -9.83
C GLY B 141 22.10 -3.81 -9.12
N SER B 142 20.83 -3.80 -8.76
CA SER B 142 20.24 -4.95 -8.08
C SER B 142 19.30 -5.75 -9.00
N ASN B 143 19.17 -7.03 -8.72
CA ASN B 143 18.27 -7.88 -9.46
C ASN B 143 16.85 -7.73 -8.96
N VAL B 144 15.91 -7.54 -9.89
CA VAL B 144 14.51 -7.35 -9.57
C VAL B 144 13.61 -8.15 -10.51
N MET B 145 12.39 -8.41 -10.08
CA MET B 145 11.39 -8.85 -11.02
C MET B 145 10.39 -7.74 -11.28
N HIS B 146 10.31 -7.34 -12.54
CA HIS B 146 9.43 -6.27 -12.93
C HIS B 146 7.97 -6.74 -12.90
N LEU B 147 7.14 -5.97 -12.20
CA LEU B 147 5.70 -6.23 -12.11
C LEU B 147 4.96 -5.05 -12.71
N ALA B 148 4.07 -5.32 -13.66
CA ALA B 148 3.24 -4.28 -14.25
C ALA B 148 2.00 -4.04 -13.39
N TYR B 149 1.83 -2.80 -12.93
CA TYR B 149 0.80 -2.48 -11.98
C TYR B 149 -0.10 -1.36 -12.48
N SER B 150 -1.39 -1.64 -12.53
CA SER B 150 -2.37 -0.63 -12.89
C SER B 150 -2.85 0.15 -11.66
N VAL B 151 -2.61 1.45 -11.67
CA VAL B 151 -2.97 2.32 -10.56
C VAL B 151 -4.46 2.39 -10.31
N GLY B 152 -4.87 2.09 -9.08
CA GLY B 152 -6.28 2.19 -8.74
C GLY B 152 -6.65 3.65 -8.50
N LYS B 153 -7.93 3.96 -8.65
CA LYS B 153 -8.38 5.33 -8.42
C LYS B 153 -8.11 5.64 -6.94
N GLY B 154 -7.55 6.81 -6.68
CA GLY B 154 -7.31 7.25 -5.33
C GLY B 154 -6.03 6.75 -4.71
N GLU B 155 -5.27 5.96 -5.45
CA GLU B 155 -3.98 5.49 -4.96
C GLU B 155 -2.87 6.53 -5.11
N ASN B 156 -1.82 6.41 -4.30
CA ASN B 156 -0.66 7.29 -4.33
C ASN B 156 0.62 6.45 -4.43
N THR B 157 1.74 7.09 -4.77
CA THR B 157 2.96 6.36 -5.04
C THR B 157 3.60 5.89 -3.74
N SER B 158 3.32 6.60 -2.66
CA SER B 158 3.85 6.20 -1.36
C SER B 158 3.33 4.81 -0.96
N ALA B 159 2.02 4.65 -0.97
CA ALA B 159 1.40 3.37 -0.58
C ALA B 159 1.71 2.24 -1.54
N ILE B 160 1.73 2.55 -2.84
CA ILE B 160 2.04 1.52 -3.83
C ILE B 160 3.45 1.05 -3.62
N ALA B 161 4.39 1.99 -3.50
CA ALA B 161 5.79 1.65 -3.26
C ALA B 161 5.93 0.83 -2.00
N ALA B 162 5.29 1.29 -0.93
CA ALA B 162 5.38 0.59 0.34
C ALA B 162 4.77 -0.79 0.22
N LYS B 163 3.63 -0.88 -0.45
CA LYS B 163 2.98 -2.17 -0.67
C LYS B 163 3.91 -3.19 -1.32
N TYR B 164 4.82 -2.73 -2.16
CA TYR B 164 5.71 -3.67 -2.83
C TYR B 164 7.13 -3.67 -2.31
N GLY B 165 7.33 -2.97 -1.19
CA GLY B 165 8.63 -2.96 -0.54
C GLY B 165 9.71 -2.31 -1.36
N VAL B 166 9.35 -1.21 -2.01
CA VAL B 166 10.32 -0.40 -2.74
C VAL B 166 10.17 1.06 -2.27
N THR B 167 11.23 1.81 -2.38
CA THR B 167 11.21 3.22 -2.04
C THR B 167 10.33 3.96 -3.05
N GLU B 168 9.58 4.95 -2.58
CA GLU B 168 8.76 5.76 -3.47
C GLU B 168 9.56 6.43 -4.58
N SER B 169 10.77 6.89 -4.26
CA SER B 169 11.63 7.51 -5.25
C SER B 169 12.08 6.52 -6.35
N THR B 170 12.38 5.30 -5.94
CA THR B 170 12.66 4.21 -6.87
C THR B 170 11.49 4.06 -7.86
N LEU B 171 10.27 4.06 -7.31
CA LEU B 171 9.09 3.97 -8.13
C LEU B 171 8.96 5.17 -9.05
N LEU B 172 9.20 6.35 -8.51
CA LEU B 172 9.02 7.59 -9.26
C LEU B 172 10.01 7.75 -10.41
N THR B 173 11.26 7.39 -10.15
CA THR B 173 12.27 7.52 -11.19
C THR B 173 12.12 6.42 -12.23
N ARG B 174 11.88 5.19 -11.78
CA ARG B 174 11.71 4.08 -12.70
C ARG B 174 10.64 4.42 -13.73
N ASN B 175 9.58 5.09 -13.26
CA ASN B 175 8.47 5.43 -14.12
C ASN B 175 8.47 6.84 -14.63
N LYS B 176 9.60 7.52 -14.47
CA LYS B 176 9.76 8.90 -14.93
C LYS B 176 8.62 9.80 -14.52
N ILE B 177 8.34 9.82 -13.23
CA ILE B 177 7.29 10.67 -12.69
C ILE B 177 7.95 11.78 -11.91
N ASP B 178 7.86 13.00 -12.41
CA ASP B 178 8.44 14.15 -11.73
C ASP B 178 7.62 14.50 -10.49
N ASP B 179 6.30 14.51 -10.67
CA ASP B 179 5.36 14.94 -9.64
C ASP B 179 4.38 13.84 -9.25
N PRO B 180 4.58 13.24 -8.07
CA PRO B 180 3.72 12.14 -7.62
C PRO B 180 2.24 12.48 -7.72
N THR B 181 1.86 13.70 -7.37
CA THR B 181 0.45 14.11 -7.34
C THR B 181 -0.19 14.00 -8.70
N LYS B 182 0.62 13.84 -9.75
CA LYS B 182 0.08 13.74 -11.11
C LYS B 182 -0.30 12.30 -11.49
N LEU B 183 -0.18 11.38 -10.55
CA LEU B 183 -0.51 9.96 -10.80
C LEU B 183 -1.95 9.83 -11.27
N GLN B 184 -2.14 9.15 -12.39
CA GLN B 184 -3.49 8.94 -12.88
C GLN B 184 -4.05 7.56 -12.59
N MET B 185 -5.36 7.51 -12.40
CA MET B 185 -6.06 6.24 -12.35
C MET B 185 -5.79 5.52 -13.67
N GLY B 186 -5.40 4.24 -13.59
CA GLY B 186 -5.21 3.44 -14.79
C GLY B 186 -3.84 3.56 -15.43
N GLN B 187 -2.99 4.43 -14.89
CA GLN B 187 -1.61 4.48 -15.27
C GLN B 187 -0.92 3.14 -14.99
N ILE B 188 -0.14 2.67 -15.94
CA ILE B 188 0.59 1.42 -15.79
C ILE B 188 1.97 1.73 -15.23
N LEU B 189 2.31 1.17 -14.08
CA LEU B 189 3.60 1.41 -13.49
C LEU B 189 4.51 0.19 -13.61
N ASP B 190 5.80 0.45 -13.76
CA ASP B 190 6.79 -0.61 -13.74
C ASP B 190 7.36 -0.65 -12.32
N VAL B 191 6.91 -1.64 -11.56
CA VAL B 191 7.32 -1.85 -10.17
C VAL B 191 8.41 -2.88 -10.08
N PRO B 192 9.63 -2.44 -9.79
CA PRO B 192 10.74 -3.39 -9.79
C PRO B 192 10.86 -4.12 -8.47
N LEU B 193 10.28 -5.32 -8.39
CA LEU B 193 10.33 -6.11 -7.17
C LEU B 193 11.72 -6.62 -6.81
N PRO B 194 12.19 -6.25 -5.61
CA PRO B 194 13.52 -6.48 -5.02
C PRO B 194 14.13 -7.90 -5.05
N VAL B 195 13.33 -8.96 -5.02
CA VAL B 195 13.87 -10.35 -5.06
C VAL B 195 14.54 -10.76 -3.74
N ALA C 1 22.20 -12.68 31.01
CA ALA C 1 23.17 -11.67 30.58
C ALA C 1 23.31 -11.65 29.06
N ASN C 2 23.00 -10.51 28.42
CA ASN C 2 23.17 -10.26 26.97
C ASN C 2 22.87 -11.51 26.13
N PHE C 3 23.80 -11.88 25.24
CA PHE C 3 23.77 -13.22 24.65
C PHE C 3 24.93 -14.05 25.23
N THR C 4 24.66 -15.27 25.65
CA THR C 4 25.72 -16.12 26.20
C THR C 4 26.66 -16.65 25.09
N CYS C 5 27.88 -16.97 25.50
CA CYS C 5 28.89 -17.48 24.58
C CYS C 5 29.83 -18.45 25.31
N ALA C 6 29.99 -19.65 24.77
CA ALA C 6 30.69 -20.70 25.52
C ALA C 6 32.06 -21.08 24.94
N VAL C 7 32.56 -20.31 23.98
CA VAL C 7 33.88 -20.58 23.44
C VAL C 7 34.93 -19.98 24.35
N ALA C 8 36.20 -20.16 24.00
CA ALA C 8 37.28 -19.66 24.84
C ALA C 8 37.21 -18.15 24.93
N SER C 9 37.38 -17.65 26.14
CA SER C 9 37.45 -16.22 26.36
C SER C 9 38.54 -15.59 25.47
N GLY C 10 38.26 -14.44 24.88
CA GLY C 10 39.23 -13.76 24.05
C GLY C 10 39.03 -14.10 22.58
N THR C 11 38.16 -15.07 22.32
CA THR C 11 37.77 -15.39 20.97
C THR C 11 36.96 -14.24 20.39
N THR C 12 37.24 -13.86 19.15
CA THR C 12 36.41 -12.88 18.42
C THR C 12 35.87 -13.48 17.13
N CYS C 13 34.69 -13.01 16.73
CA CYS C 13 34.10 -13.39 15.45
C CYS C 13 33.24 -12.26 14.88
N LYS C 14 32.67 -12.47 13.70
CA LYS C 14 31.76 -11.50 13.08
C LYS C 14 30.33 -11.76 13.56
N SER C 15 29.66 -10.73 14.06
CA SER C 15 28.24 -10.82 14.38
C SER C 15 27.57 -9.57 13.83
N ALA C 16 26.26 -9.43 14.03
CA ALA C 16 25.53 -8.25 13.57
C ALA C 16 24.29 -7.97 14.39
N ILE C 17 23.81 -6.73 14.30
CA ILE C 17 22.47 -6.37 14.78
C ILE C 17 21.61 -5.96 13.60
N LEU C 18 20.31 -6.24 13.70
CA LEU C 18 19.35 -5.69 12.75
C LEU C 18 18.90 -4.37 13.31
N TYR C 19 19.48 -3.31 12.76
CA TYR C 19 19.30 -1.97 13.29
C TYR C 19 18.16 -1.28 12.57
N THR C 20 17.25 -0.73 13.35
CA THR C 20 16.16 0.08 12.82
C THR C 20 16.52 1.55 13.02
N SER C 21 16.66 2.28 11.92
CA SER C 21 17.07 3.68 12.00
C SER C 21 15.93 4.57 12.51
N PRO C 22 16.16 5.25 13.64
CA PRO C 22 15.13 6.11 14.23
C PRO C 22 14.69 7.22 13.27
N ASN C 23 15.64 7.73 12.50
CA ASN C 23 15.43 8.84 11.59
C ASN C 23 15.97 8.52 10.21
N ALA C 24 15.74 9.41 9.24
CA ALA C 24 16.39 9.31 7.94
C ALA C 24 17.87 9.63 8.09
N THR C 25 18.70 8.88 7.39
CA THR C 25 20.15 9.07 7.38
C THR C 25 20.71 8.54 6.07
N THR C 26 21.99 8.22 6.08
CA THR C 26 22.66 7.64 4.92
C THR C 26 23.50 6.46 5.39
N TYR C 27 23.96 5.67 4.44
CA TYR C 27 24.85 4.56 4.73
C TYR C 27 26.12 5.06 5.39
N GLY C 28 26.64 6.16 4.84
CA GLY C 28 27.83 6.80 5.38
C GLY C 28 27.68 7.22 6.83
N ASN C 29 26.52 7.79 7.14
CA ASN C 29 26.21 8.20 8.51
C ASN C 29 26.14 7.00 9.48
N LEU C 30 25.60 5.88 9.01
CA LEU C 30 25.52 4.66 9.80
C LEU C 30 26.90 4.11 10.08
N VAL C 31 27.74 4.08 9.06
CA VAL C 31 29.14 3.69 9.21
C VAL C 31 29.81 4.52 10.32
N ALA C 32 29.52 5.82 10.36
CA ALA C 32 30.10 6.72 11.36
C ALA C 32 29.58 6.54 12.79
N ARG C 33 28.29 6.36 12.96
CA ARG C 33 27.69 6.21 14.28
C ARG C 33 28.18 4.91 14.96
N PHE C 34 28.37 3.87 14.16
CA PHE C 34 28.80 2.58 14.70
C PHE C 34 30.32 2.35 14.71
N ASN C 35 30.98 2.66 13.59
CA ASN C 35 32.43 2.56 13.50
C ASN C 35 32.95 1.15 13.80
N THR C 36 32.14 0.16 13.42
CA THR C 36 32.46 -1.23 13.66
C THR C 36 32.74 -1.92 12.34
N THR C 37 32.50 -1.21 11.24
CA THR C 37 32.59 -1.82 9.93
C THR C 37 32.85 -0.77 8.85
N THR C 38 33.39 -1.20 7.72
CA THR C 38 33.60 -0.31 6.61
C THR C 38 32.34 -0.30 5.78
N LEU C 39 32.19 0.70 4.92
CA LEU C 39 31.05 0.78 4.02
C LEU C 39 30.89 -0.46 3.11
N PRO C 40 31.97 -0.88 2.42
CA PRO C 40 31.74 -2.04 1.53
C PRO C 40 31.30 -3.28 2.30
N ASP C 41 31.74 -3.40 3.56
CA ASP C 41 31.31 -4.51 4.40
C ASP C 41 29.86 -4.35 4.82
N LEU C 42 29.45 -3.12 5.15
CA LEU C 42 28.05 -2.81 5.43
C LEU C 42 27.17 -3.11 4.20
N LEU C 43 27.62 -2.62 3.05
CA LEU C 43 26.91 -2.86 1.81
C LEU C 43 26.84 -4.37 1.50
N GLY C 44 27.97 -5.06 1.65
CA GLY C 44 28.01 -6.48 1.38
C GLY C 44 27.13 -7.28 2.32
N ALA C 45 27.17 -6.92 3.60
CA ALA C 45 26.36 -7.57 4.61
C ALA C 45 24.87 -7.42 4.36
N ASN C 46 24.46 -6.37 3.65
CA ASN C 46 23.04 -6.16 3.38
C ASN C 46 22.64 -6.48 1.94
N GLY C 47 23.49 -7.23 1.24
CA GLY C 47 23.19 -7.65 -0.13
C GLY C 47 22.98 -6.49 -1.08
N LEU C 48 23.73 -5.42 -0.88
CA LEU C 48 23.62 -4.21 -1.69
C LEU C 48 24.81 -4.13 -2.67
N PRO C 49 24.59 -3.47 -3.82
CA PRO C 49 25.65 -3.35 -4.84
C PRO C 49 26.90 -2.62 -4.35
N ASP C 50 28.03 -2.98 -4.96
CA ASP C 50 29.32 -2.42 -4.61
C ASP C 50 29.33 -0.89 -4.74
N GLY C 51 28.63 -0.39 -5.75
CA GLY C 51 28.65 1.01 -6.08
C GLY C 51 27.72 1.94 -5.32
N THR C 52 27.01 1.42 -4.32
CA THR C 52 26.09 2.27 -3.56
C THR C 52 26.88 3.36 -2.86
N LEU C 53 26.44 4.61 -3.03
CA LEU C 53 27.20 5.74 -2.48
C LEU C 53 27.02 5.79 -0.97
N SER C 54 28.01 6.33 -0.27
CA SER C 54 27.89 6.47 1.17
C SER C 54 26.81 7.49 1.46
N SER C 55 26.50 8.33 0.47
CA SER C 55 25.48 9.38 0.62
C SER C 55 24.07 8.89 0.22
N ALA C 56 23.95 7.63 -0.21
CA ALA C 56 22.65 7.05 -0.50
C ALA C 56 21.78 7.01 0.77
N PRO C 57 20.49 7.34 0.64
CA PRO C 57 19.57 7.51 1.77
C PRO C 57 19.06 6.20 2.41
N VAL C 58 18.87 6.21 3.73
CA VAL C 58 18.13 5.14 4.42
C VAL C 58 16.93 5.75 5.12
N ALA C 59 15.74 5.19 4.83
CA ALA C 59 14.49 5.72 5.37
C ALA C 59 14.35 5.44 6.85
N ALA C 60 13.67 6.35 7.57
CA ALA C 60 13.33 6.13 8.97
C ALA C 60 12.54 4.83 9.10
N ASN C 61 12.87 4.05 10.13
CA ASN C 61 12.21 2.76 10.39
C ASN C 61 12.58 1.64 9.41
N SER C 62 13.47 1.91 8.46
CA SER C 62 13.93 0.84 7.59
C SER C 62 15.02 0.10 8.35
N THR C 63 15.27 -1.16 7.98
CA THR C 63 16.23 -1.96 8.74
C THR C 63 17.52 -2.16 7.96
N VAL C 64 18.64 -2.22 8.67
CA VAL C 64 19.94 -2.49 8.07
C VAL C 64 20.74 -3.43 8.96
N LYS C 65 21.32 -4.47 8.35
CA LYS C 65 22.22 -5.36 9.07
C LYS C 65 23.55 -4.65 9.27
N ILE C 66 24.00 -4.58 10.52
CA ILE C 66 25.27 -3.90 10.83
C ILE C 66 26.28 -4.88 11.42
N PRO C 67 27.30 -5.23 10.64
CA PRO C 67 28.30 -6.18 11.11
C PRO C 67 29.25 -5.52 12.07
N PHE C 68 29.77 -6.32 12.99
CA PHE C 68 30.77 -5.82 13.91
C PHE C 68 31.62 -6.98 14.39
N ARG C 69 32.74 -6.62 14.99
CA ARG C 69 33.68 -7.54 15.62
C ARG C 69 33.06 -7.88 16.98
N CYS C 70 32.74 -9.15 17.19
CA CYS C 70 32.23 -9.63 18.48
C CYS C 70 33.35 -10.23 19.35
N ARG C 71 33.39 -9.93 20.64
CA ARG C 71 34.36 -10.59 21.53
C ARG C 71 33.72 -11.37 22.69
N CYS C 72 34.12 -12.61 22.88
CA CYS C 72 33.56 -13.42 23.96
C CYS C 72 34.47 -13.44 25.18
N ASN C 73 33.88 -13.21 26.34
CA ASN C 73 34.62 -13.46 27.56
C ASN C 73 34.17 -14.86 27.95
N GLY C 74 34.59 -15.37 29.09
CA GLY C 74 34.24 -16.74 29.41
C GLY C 74 32.77 -17.08 29.30
N ASP C 75 31.92 -16.05 29.34
CA ASP C 75 30.50 -16.22 29.56
C ASP C 75 29.58 -15.63 28.49
N VAL C 76 29.96 -14.47 27.95
CA VAL C 76 29.04 -13.65 27.16
C VAL C 76 29.76 -13.06 25.95
N GLY C 77 29.03 -12.81 24.88
CA GLY C 77 29.61 -12.16 23.70
C GLY C 77 29.13 -10.72 23.56
N GLN C 78 30.08 -9.79 23.40
CA GLN C 78 29.80 -8.36 23.30
C GLN C 78 30.61 -7.79 22.13
N SER C 79 30.09 -6.75 21.50
CA SER C 79 30.81 -6.09 20.44
C SER C 79 32.11 -5.56 21.05
N ASP C 80 33.22 -5.77 20.36
CA ASP C 80 34.54 -5.66 20.98
C ASP C 80 35.00 -4.23 21.15
N ARG C 81 34.67 -3.63 22.30
CA ARG C 81 35.01 -2.23 22.65
C ARG C 81 34.54 -1.14 21.66
N LEU C 82 33.61 -1.52 20.80
CA LEU C 82 32.89 -0.61 19.92
C LEU C 82 31.43 -1.06 19.91
N PRO C 83 30.47 -0.16 19.60
CA PRO C 83 30.60 1.27 19.30
C PRO C 83 30.75 2.15 20.53
N ILE C 84 31.22 3.37 20.32
CA ILE C 84 31.37 4.35 21.38
C ILE C 84 30.28 5.39 21.25
N TYR C 85 29.67 5.73 22.37
CA TYR C 85 28.69 6.80 22.38
C TYR C 85 29.17 7.92 23.27
N VAL C 86 29.17 9.15 22.74
CA VAL C 86 29.48 10.32 23.56
C VAL C 86 28.23 10.93 24.20
N VAL C 87 28.23 11.02 25.54
CA VAL C 87 27.09 11.54 26.29
C VAL C 87 26.74 12.98 25.90
N GLN C 88 25.47 13.20 25.60
CA GLN C 88 24.99 14.51 25.19
C GLN C 88 24.49 15.22 26.44
N PRO C 89 24.36 16.57 26.39
CA PRO C 89 23.92 17.37 27.54
C PRO C 89 22.79 16.77 28.39
N GLN C 90 21.68 16.36 27.78
CA GLN C 90 20.55 15.83 28.55
C GLN C 90 20.26 14.35 28.28
N ASP C 91 21.29 13.53 28.37
CA ASP C 91 21.16 12.10 28.14
C ASP C 91 21.02 11.27 29.41
N GLY C 92 20.31 10.15 29.28
CA GLY C 92 20.29 9.12 30.30
C GLY C 92 20.63 7.80 29.64
N LEU C 93 21.28 6.91 30.39
CA LEU C 93 21.75 5.63 29.86
C LEU C 93 20.60 4.88 29.23
N ASP C 94 19.47 4.91 29.93
CA ASP C 94 18.27 4.20 29.53
C ASP C 94 17.74 4.80 28.23
N ALA C 95 17.80 6.13 28.12
CA ALA C 95 17.31 6.79 26.91
C ALA C 95 18.22 6.50 25.73
N ILE C 96 19.52 6.42 26.00
CA ILE C 96 20.50 6.05 24.99
C ILE C 96 20.29 4.59 24.60
N ALA C 97 20.18 3.75 25.63
CA ALA C 97 19.92 2.33 25.47
C ALA C 97 18.72 2.12 24.57
N ARG C 98 17.63 2.81 24.87
CA ARG C 98 16.37 2.61 24.15
C ARG C 98 16.23 3.42 22.85
N ASN C 99 16.63 4.68 22.86
CA ASN C 99 16.37 5.54 21.72
C ASN C 99 17.45 5.56 20.64
N VAL C 100 18.68 5.23 21.02
CA VAL C 100 19.76 5.23 20.04
C VAL C 100 20.09 3.85 19.54
N PHE C 101 20.14 2.89 20.45
CA PHE C 101 20.59 1.55 20.08
C PHE C 101 19.50 0.47 20.16
N ASN C 102 18.25 0.86 19.95
CA ASN C 102 17.13 -0.08 19.75
C ASN C 102 16.85 -1.01 20.94
N ALA C 103 17.25 -0.61 22.14
CA ALA C 103 17.18 -1.47 23.33
C ALA C 103 17.86 -2.84 23.12
N PHE C 104 18.87 -2.91 22.25
CA PHE C 104 19.71 -4.10 22.13
C PHE C 104 20.54 -4.31 23.40
N VAL C 105 20.74 -3.24 24.16
CA VAL C 105 21.34 -3.35 25.47
C VAL C 105 20.43 -2.69 26.52
N THR C 106 20.56 -3.09 27.78
CA THR C 106 19.86 -2.38 28.85
C THR C 106 20.84 -1.41 29.47
N TYR C 107 20.32 -0.44 30.23
CA TYR C 107 21.18 0.56 30.83
C TYR C 107 22.06 -0.06 31.90
N GLN C 108 21.58 -1.15 32.49
CA GLN C 108 22.36 -1.94 33.41
C GLN C 108 23.57 -2.56 32.70
N GLU C 109 23.35 -3.05 31.48
CA GLU C 109 24.42 -3.64 30.68
C GLU C 109 25.47 -2.59 30.31
N ILE C 110 25.03 -1.39 29.94
CA ILE C 110 25.93 -0.24 29.87
C ILE C 110 26.32 -0.02 31.34
N ALA C 111 27.21 0.91 31.65
CA ALA C 111 27.62 1.12 33.04
C ALA C 111 28.39 -0.06 33.59
N ALA C 112 27.83 -1.26 33.57
CA ALA C 112 28.59 -2.43 34.01
C ALA C 112 29.77 -2.57 33.05
N ALA C 113 29.48 -2.33 31.77
CA ALA C 113 30.47 -2.38 30.72
C ALA C 113 31.45 -1.23 30.84
N ASN C 114 30.99 -0.11 31.39
CA ASN C 114 31.85 1.06 31.49
C ASN C 114 32.40 1.31 32.90
N ASN C 115 32.26 0.31 33.78
CA ASN C 115 32.87 0.30 35.12
C ASN C 115 32.65 1.50 36.04
N ILE C 116 33.01 2.69 35.58
CA ILE C 116 32.94 3.90 36.39
C ILE C 116 31.52 4.20 36.91
N PRO C 117 30.48 3.96 36.10
CA PRO C 117 29.20 4.24 36.75
C PRO C 117 28.68 3.11 37.65
N ASP C 118 28.31 3.51 38.87
CA ASP C 118 27.53 2.67 39.76
C ASP C 118 26.14 3.30 39.97
N PRO C 119 26.08 4.64 40.13
CA PRO C 119 24.72 5.18 40.11
C PRO C 119 24.22 5.62 38.73
N ASN C 120 23.09 6.32 38.72
CA ASN C 120 22.41 6.80 37.51
C ASN C 120 22.97 8.17 37.09
N LYS C 121 24.26 8.37 37.28
CA LYS C 121 24.86 9.70 37.05
C LYS C 121 26.05 9.67 36.10
N ILE C 122 25.97 10.43 35.01
CA ILE C 122 27.04 10.46 33.99
C ILE C 122 27.39 11.87 33.53
N ASN C 123 28.58 12.04 32.95
CA ASN C 123 29.06 13.37 32.56
C ASN C 123 29.01 13.59 31.05
N VAL C 124 28.62 14.79 30.66
CA VAL C 124 28.63 15.17 29.25
C VAL C 124 30.07 15.03 28.75
N SER C 125 30.20 14.55 27.51
CA SER C 125 31.47 14.30 26.83
C SER C 125 32.16 13.00 27.27
N GLN C 126 31.56 12.29 28.23
CA GLN C 126 32.06 10.98 28.59
C GLN C 126 31.81 9.97 27.47
N THR C 127 32.80 9.11 27.24
CA THR C 127 32.70 8.08 26.21
C THR C 127 32.24 6.78 26.83
N LEU C 128 31.22 6.17 26.24
CA LEU C 128 30.69 4.91 26.72
C LEU C 128 30.84 3.83 25.66
N TRP C 129 31.30 2.65 26.09
CA TRP C 129 31.30 1.46 25.27
C TRP C 129 29.91 0.84 25.30
N ILE C 130 29.34 0.64 24.11
CA ILE C 130 28.04 0.00 23.97
C ILE C 130 28.24 -1.49 23.66
N PRO C 131 27.93 -2.35 24.64
CA PRO C 131 28.15 -3.79 24.46
C PRO C 131 26.99 -4.50 23.77
N LEU C 132 26.84 -4.28 22.46
CA LEU C 132 25.84 -5.00 21.69
C LEU C 132 26.01 -6.50 21.90
N PRO C 133 24.89 -7.21 22.06
CA PRO C 133 24.91 -8.66 22.29
C PRO C 133 25.30 -9.43 21.03
N CYS C 134 26.13 -10.45 21.22
CA CYS C 134 26.58 -11.28 20.10
C CYS C 134 27.07 -12.59 20.69
N SER C 135 27.51 -13.48 19.82
CA SER C 135 28.06 -14.76 20.26
C SER C 135 28.93 -15.32 19.14
N CYS C 136 29.82 -16.24 19.50
CA CYS C 136 30.58 -16.96 18.51
C CYS C 136 30.27 -18.44 18.58
N ASP C 137 29.25 -18.80 19.37
CA ASP C 137 28.86 -20.20 19.53
C ASP C 137 28.42 -20.75 18.22
N LYS C 138 28.75 -22.01 18.00
CA LYS C 138 28.15 -22.76 16.92
C LYS C 138 26.73 -23.09 17.32
N GLU C 139 25.92 -23.40 16.32
CA GLU C 139 24.57 -23.86 16.60
C GLU C 139 24.46 -25.34 16.25
N GLU C 140 24.42 -26.16 17.28
CA GLU C 140 24.34 -27.61 17.12
C GLU C 140 25.37 -28.16 16.12
N GLY C 141 26.62 -27.77 16.31
CA GLY C 141 27.71 -28.26 15.48
C GLY C 141 27.94 -27.46 14.21
N SER C 142 27.04 -26.51 13.92
CA SER C 142 27.13 -25.76 12.67
C SER C 142 27.60 -24.33 12.87
N ASN C 143 28.30 -23.80 11.88
CA ASN C 143 28.79 -22.43 11.92
C ASN C 143 27.67 -21.46 11.52
N VAL C 144 27.45 -20.45 12.35
CA VAL C 144 26.37 -19.50 12.14
C VAL C 144 26.90 -18.09 12.34
N MET C 145 26.23 -17.08 11.78
CA MET C 145 26.48 -15.71 12.21
C MET C 145 25.31 -15.27 13.07
N HIS C 146 25.59 -14.93 14.31
CA HIS C 146 24.53 -14.50 15.20
C HIS C 146 24.04 -13.11 14.81
N LEU C 147 22.71 -12.99 14.68
CA LEU C 147 22.08 -11.71 14.37
C LEU C 147 21.17 -11.32 15.53
N ALA C 148 21.40 -10.15 16.10
CA ALA C 148 20.53 -9.67 17.17
C ALA C 148 19.27 -9.04 16.57
N TYR C 149 18.09 -9.49 17.02
CA TYR C 149 16.83 -9.08 16.41
C TYR C 149 15.87 -8.55 17.48
N SER C 150 15.40 -7.33 17.28
CA SER C 150 14.34 -6.79 18.13
C SER C 150 13.03 -7.18 17.49
N VAL C 151 12.25 -7.98 18.22
CA VAL C 151 10.99 -8.55 17.73
C VAL C 151 9.94 -7.51 17.36
N GLY C 152 9.46 -7.57 16.12
CA GLY C 152 8.36 -6.71 15.68
C GLY C 152 7.03 -7.37 16.02
N LYS C 153 6.01 -6.58 16.30
CA LYS C 153 4.69 -7.12 16.64
C LYS C 153 3.98 -7.71 15.43
N ASN C 156 4.83 -13.01 17.56
CA ASN C 156 4.96 -14.25 16.80
C ASN C 156 6.43 -14.67 16.70
N THR C 157 6.67 -15.96 16.49
CA THR C 157 8.03 -16.50 16.45
C THR C 157 8.25 -17.31 15.19
N SER C 158 7.16 -17.85 14.67
CA SER C 158 7.21 -18.67 13.47
C SER C 158 7.74 -17.91 12.26
N ALA C 159 7.13 -16.76 11.99
CA ALA C 159 7.49 -15.98 10.80
C ALA C 159 8.92 -15.45 10.90
N ILE C 160 9.35 -15.11 12.10
CA ILE C 160 10.70 -14.62 12.32
C ILE C 160 11.72 -15.70 11.99
N ALA C 161 11.50 -16.88 12.56
CA ALA C 161 12.30 -18.06 12.29
C ALA C 161 12.27 -18.38 10.79
N ALA C 162 11.08 -18.31 10.20
CA ALA C 162 10.90 -18.58 8.78
C ALA C 162 11.60 -17.51 7.94
N LYS C 163 11.44 -16.26 8.35
CA LYS C 163 12.04 -15.13 7.66
C LYS C 163 13.54 -15.32 7.50
N TYR C 164 14.15 -15.92 8.51
CA TYR C 164 15.59 -16.16 8.54
C TYR C 164 16.02 -17.62 8.33
N GLY C 165 15.10 -18.45 7.84
CA GLY C 165 15.43 -19.83 7.50
C GLY C 165 15.97 -20.63 8.66
N VAL C 166 15.37 -20.48 9.82
CA VAL C 166 15.79 -21.23 10.98
C VAL C 166 14.59 -21.95 11.58
N THR C 167 14.83 -23.10 12.19
CA THR C 167 13.76 -23.86 12.80
C THR C 167 13.23 -23.06 14.00
N GLU C 168 11.92 -23.03 14.16
CA GLU C 168 11.30 -22.29 15.27
C GLU C 168 11.79 -22.79 16.63
N SER C 169 11.99 -24.10 16.71
CA SER C 169 12.53 -24.72 17.92
C SER C 169 13.97 -24.27 18.19
N THR C 170 14.78 -24.14 17.14
CA THR C 170 16.13 -23.61 17.24
C THR C 170 16.17 -22.28 17.98
N LEU C 171 15.29 -21.37 17.57
CA LEU C 171 15.19 -20.04 18.17
C LEU C 171 14.75 -20.06 19.63
N LEU C 172 13.73 -20.86 19.95
CA LEU C 172 13.19 -20.90 21.31
C LEU C 172 14.19 -21.46 22.30
N THR C 173 14.96 -22.45 21.87
CA THR C 173 15.98 -23.03 22.74
C THR C 173 17.18 -22.09 22.88
N ARG C 174 17.63 -21.52 21.76
CA ARG C 174 18.76 -20.59 21.75
C ARG C 174 18.43 -19.41 22.66
N ASN C 175 17.18 -18.99 22.64
CA ASN C 175 16.76 -17.89 23.49
C ASN C 175 16.04 -18.37 24.76
N LYS C 176 16.12 -19.69 25.00
CA LYS C 176 15.56 -20.38 26.17
C LYS C 176 14.13 -19.98 26.55
N ILE C 177 13.21 -20.07 25.60
CA ILE C 177 11.82 -19.70 25.87
C ILE C 177 10.88 -20.92 25.89
N ASP C 179 7.75 -21.25 25.63
CA ASP C 179 6.40 -20.79 25.39
C ASP C 179 6.39 -19.47 24.64
N PRO C 180 6.15 -19.51 23.31
CA PRO C 180 6.08 -18.36 22.39
C PRO C 180 5.11 -17.25 22.81
N THR C 181 3.97 -17.60 23.37
CA THR C 181 2.92 -16.61 23.64
C THR C 181 3.31 -15.48 24.59
N LYS C 182 4.38 -15.69 25.37
CA LYS C 182 4.83 -14.67 26.31
C LYS C 182 5.79 -13.69 25.62
N LEU C 183 5.92 -13.84 24.31
CA LEU C 183 6.77 -12.98 23.51
C LEU C 183 6.33 -11.52 23.53
N GLN C 184 7.26 -10.64 23.89
CA GLN C 184 7.02 -9.20 23.86
C GLN C 184 7.61 -8.64 22.58
N MET C 185 6.96 -7.61 22.03
CA MET C 185 7.52 -6.87 20.90
C MET C 185 8.82 -6.22 21.39
N GLY C 186 9.88 -6.34 20.59
CA GLY C 186 11.14 -5.69 20.94
C GLY C 186 12.02 -6.45 21.90
N GLN C 187 11.55 -7.62 22.34
CA GLN C 187 12.39 -8.52 23.11
C GLN C 187 13.56 -8.85 22.22
N ILE C 188 14.76 -8.86 22.76
CA ILE C 188 15.92 -9.11 21.93
C ILE C 188 16.24 -10.58 21.78
N LEU C 189 16.23 -11.06 20.54
CA LEU C 189 16.53 -12.44 20.26
C LEU C 189 17.91 -12.64 19.66
N ASP C 190 18.52 -13.77 19.99
CA ASP C 190 19.74 -14.22 19.36
C ASP C 190 19.34 -15.17 18.24
N VAL C 191 19.41 -14.68 17.00
CA VAL C 191 19.03 -15.47 15.82
C VAL C 191 20.25 -16.07 15.12
N PRO C 192 20.46 -17.39 15.26
CA PRO C 192 21.68 -17.98 14.68
C PRO C 192 21.55 -18.33 13.19
N LEU C 193 21.93 -17.36 12.37
CA LEU C 193 21.84 -17.44 10.92
C LEU C 193 22.82 -18.45 10.32
N PRO C 194 22.29 -19.51 9.68
CA PRO C 194 23.18 -20.49 9.04
C PRO C 194 24.14 -19.80 8.08
N VAL C 195 25.43 -20.11 8.16
CA VAL C 195 26.44 -19.53 7.28
C VAL C 195 26.24 -19.93 5.82
#